data_3PMA
#
_entry.id   3PMA
#
_cell.length_a   87.562
_cell.length_b   87.562
_cell.length_c   191.990
_cell.angle_alpha   90.00
_cell.angle_beta   90.00
_cell.angle_gamma   90.00
#
_symmetry.space_group_name_H-M   'P 43 21 2'
#
loop_
_entity.id
_entity.type
_entity.pdbx_description
1 polymer 'Thrombin light chain'
2 polymer 'Thrombin heavy chain'
3 branched 1,3,4,6-tetra-O-sulfo-beta-D-fructofuranose-(2-1)-2,3,4,6-tetra-O-sulfonato-alpha-D-glucopyranose
4 non-polymer 'SODIUM ION'
5 non-polymer 'CITRIC ACID'
6 water water
#
loop_
_entity_poly.entity_id
_entity_poly.type
_entity_poly.pdbx_seq_one_letter_code
_entity_poly.pdbx_strand_id
1 'polypeptide(L)' EADCGLRPLFEKKQVQDQTEKELFESYIE A,C
2 'polypeptide(L)'
;IVEGQDAEVGLSPWQVMLFRKSPQELLCGASLISDRWVLTAAHCLLYPPWDKNFTVDDLLVRIGKHSRTRYERKVEKISM
LDKIYIHPRYNWKENLDRDIALLKLKRPIELSDYIHPVCLPDKQTAAKLLHAGFKGRVTGWGNRRETWTTSVAEVQPSVL
QVVNLPLVERPVCKASTRIRITDNMFCAGYKPGEGKRGDACEGDSGGPFVMKSPYNNRWYQMGIVSWGEGCDRDGKYGFY
THVFRLKKWIQKVIDRLGS
;
B,D
#
# COMPACT_ATOMS: atom_id res chain seq x y z
N GLU A 1 -5.78 -6.95 -0.52
CA GLU A 1 -6.99 -7.62 0.05
C GLU A 1 -6.56 -8.88 0.80
N ALA A 2 -6.90 -8.92 2.08
CA ALA A 2 -6.45 -9.97 3.00
C ALA A 2 -7.01 -11.35 2.67
N ASP A 3 -8.17 -11.37 2.00
CA ASP A 3 -8.86 -12.61 1.69
C ASP A 3 -8.72 -13.01 0.23
N CYS A 4 -7.76 -12.41 -0.48
CA CYS A 4 -7.54 -12.71 -1.91
C CYS A 4 -7.24 -14.18 -2.15
N GLY A 5 -7.64 -14.66 -3.32
CA GLY A 5 -7.30 -16.00 -3.79
C GLY A 5 -7.97 -17.17 -3.10
N LEU A 6 -8.88 -16.88 -2.17
CA LEU A 6 -9.65 -17.91 -1.48
C LEU A 6 -11.10 -17.79 -1.93
N ARG A 7 -11.55 -18.78 -2.70
CA ARG A 7 -12.89 -18.76 -3.29
C ARG A 7 -13.93 -19.27 -2.30
N PRO A 8 -15.00 -18.48 -2.09
CA PRO A 8 -16.09 -18.79 -1.16
C PRO A 8 -16.72 -20.15 -1.39
N LEU A 9 -16.85 -20.56 -2.65
CA LEU A 9 -17.52 -21.83 -2.95
C LEU A 9 -16.57 -23.02 -2.96
N PHE A 10 -15.29 -22.78 -2.72
CA PHE A 10 -14.30 -23.85 -2.68
C PHE A 10 -13.43 -23.86 -1.42
N GLU A 11 -12.34 -23.09 -1.43
CA GLU A 11 -11.39 -23.07 -0.30
C GLU A 11 -12.05 -22.74 1.03
N LYS A 12 -12.95 -21.76 1.01
CA LYS A 12 -13.67 -21.35 2.22
C LYS A 12 -14.64 -22.41 2.74
N LYS A 13 -15.06 -23.31 1.86
CA LYS A 13 -15.93 -24.43 2.23
C LYS A 13 -15.20 -25.77 2.24
N GLN A 14 -13.86 -25.71 2.20
CA GLN A 14 -13.01 -26.92 2.23
C GLN A 14 -13.38 -27.95 1.15
N VAL A 15 -13.90 -27.44 0.03
CA VAL A 15 -14.18 -28.24 -1.15
C VAL A 15 -13.12 -27.87 -2.19
N GLN A 16 -12.47 -28.86 -2.78
CA GLN A 16 -11.54 -28.58 -3.86
C GLN A 16 -12.21 -28.81 -5.22
N ASP A 17 -11.88 -27.97 -6.20
CA ASP A 17 -12.49 -28.08 -7.52
C ASP A 17 -12.00 -29.31 -8.30
N GLN A 18 -12.64 -29.58 -9.43
CA GLN A 18 -12.47 -30.86 -10.11
C GLN A 18 -11.12 -31.08 -10.78
N THR A 19 -10.39 -30.00 -11.07
CA THR A 19 -9.13 -30.12 -11.80
C THR A 19 -7.92 -29.55 -11.06
N GLU A 20 -8.13 -29.15 -9.80
CA GLU A 20 -7.06 -28.73 -8.90
C GLU A 20 -5.91 -29.74 -8.80
N LYS A 21 -6.25 -31.02 -8.68
CA LYS A 21 -5.25 -32.08 -8.58
C LYS A 21 -4.31 -32.11 -9.79
N GLU A 22 -4.82 -31.72 -10.96
CA GLU A 22 -4.01 -31.63 -12.16
C GLU A 22 -2.84 -30.65 -11.95
N LEU A 23 -3.12 -29.55 -11.24
CA LEU A 23 -2.10 -28.55 -10.95
C LEU A 23 -1.08 -29.03 -9.92
N PHE A 24 -1.57 -29.64 -8.84
CA PHE A 24 -0.69 -30.16 -7.79
C PHE A 24 0.16 -31.34 -8.29
N GLU A 25 -0.42 -32.15 -9.18
CA GLU A 25 0.31 -33.23 -9.82
C GLU A 25 1.54 -32.68 -10.58
N SER A 26 1.36 -31.57 -11.30
CA SER A 26 2.44 -30.96 -12.08
C SER A 26 3.58 -30.39 -11.21
N TYR A 27 3.29 -30.10 -9.95
CA TYR A 27 4.29 -29.55 -9.02
C TYR A 27 5.34 -30.58 -8.61
N ILE A 28 4.93 -31.83 -8.50
CA ILE A 28 5.82 -32.89 -8.05
C ILE A 28 6.32 -33.73 -9.23
N GLU A 29 6.43 -33.07 -10.39
CA GLU A 29 6.80 -33.66 -11.69
C GLU A 29 5.60 -34.23 -12.43
N ILE B 1 -11.78 -20.33 -25.02
CA ILE B 1 -10.89 -21.46 -24.63
C ILE B 1 -11.11 -22.66 -25.56
N VAL B 2 -10.03 -23.09 -26.20
CA VAL B 2 -10.04 -24.28 -27.07
C VAL B 2 -9.64 -25.50 -26.25
N GLU B 3 -10.39 -26.58 -26.43
CA GLU B 3 -10.09 -27.89 -25.81
C GLU B 3 -10.12 -27.87 -24.27
N GLY B 4 -10.95 -26.98 -23.72
CA GLY B 4 -11.19 -26.95 -22.29
C GLY B 4 -12.47 -27.67 -21.93
N GLN B 5 -13.05 -27.32 -20.78
CA GLN B 5 -14.29 -27.92 -20.31
C GLN B 5 -15.10 -26.90 -19.54
N ASP B 6 -16.36 -27.23 -19.25
CA ASP B 6 -17.21 -26.38 -18.44
C ASP B 6 -16.61 -26.20 -17.04
N ALA B 7 -16.49 -24.95 -16.62
CA ALA B 7 -16.08 -24.62 -15.26
C ALA B 7 -17.26 -24.80 -14.31
N GLU B 8 -16.98 -25.34 -13.13
CA GLU B 8 -17.94 -25.41 -12.02
C GLU B 8 -18.39 -24.00 -11.64
N VAL B 9 -19.58 -23.89 -11.07
CA VAL B 9 -20.08 -22.62 -10.56
C VAL B 9 -19.12 -22.08 -9.50
N GLY B 10 -18.78 -20.80 -9.60
CA GLY B 10 -17.91 -20.16 -8.62
C GLY B 10 -16.43 -20.49 -8.74
N LEU B 11 -16.04 -21.16 -9.83
CA LEU B 11 -14.65 -21.59 -10.05
C LEU B 11 -13.66 -20.44 -10.13
N SER B 12 -14.08 -19.35 -10.76
CA SER B 12 -13.21 -18.20 -11.00
C SER B 12 -13.96 -16.93 -10.63
N PRO B 13 -14.08 -16.64 -9.32
CA PRO B 13 -14.90 -15.49 -8.92
C PRO B 13 -14.22 -14.15 -9.23
N TRP B 14 -12.97 -14.20 -9.65
CA TRP B 14 -12.25 -13.01 -10.12
C TRP B 14 -12.38 -12.80 -11.62
N GLN B 15 -13.17 -13.64 -12.28
CA GLN B 15 -13.38 -13.52 -13.72
C GLN B 15 -14.15 -12.24 -14.02
N VAL B 16 -13.61 -11.45 -14.94
CA VAL B 16 -14.23 -10.24 -15.43
C VAL B 16 -14.30 -10.34 -16.96
N MET B 17 -15.39 -9.84 -17.53
CA MET B 17 -15.54 -9.76 -18.99
C MET B 17 -15.52 -8.30 -19.42
N LEU B 18 -14.67 -7.97 -20.37
CA LEU B 18 -14.64 -6.62 -20.92
C LEU B 18 -15.53 -6.56 -22.15
N PHE B 19 -16.51 -5.67 -22.10
CA PHE B 19 -17.52 -5.54 -23.15
C PHE B 19 -17.41 -4.22 -23.87
N ARG B 20 -17.59 -4.26 -25.20
CA ARG B 20 -17.90 -3.07 -25.98
C ARG B 20 -19.27 -2.61 -25.53
N LYS B 21 -19.42 -1.30 -25.30
CA LYS B 21 -20.66 -0.74 -24.81
C LYS B 21 -21.77 -0.72 -25.86
N SER B 22 -21.41 -0.33 -27.09
CA SER B 22 -22.41 -0.15 -28.17
C SER B 22 -21.74 -0.16 -29.56
N PRO B 23 -22.03 -1.19 -30.38
CA PRO B 23 -22.93 -2.31 -30.10
C PRO B 23 -22.31 -3.24 -29.07
N GLN B 24 -23.12 -3.89 -28.25
CA GLN B 24 -22.53 -4.73 -27.21
C GLN B 24 -21.97 -6.07 -27.71
N GLU B 25 -20.68 -6.27 -27.45
CA GLU B 25 -19.99 -7.50 -27.79
C GLU B 25 -18.86 -7.76 -26.80
N LEU B 26 -18.67 -9.03 -26.47
CA LEU B 26 -17.52 -9.45 -25.69
C LEU B 26 -16.24 -9.10 -26.43
N LEU B 27 -15.31 -8.42 -25.77
CA LEU B 27 -14.02 -8.08 -26.38
C LEU B 27 -12.88 -8.90 -25.82
N CYS B 28 -12.85 -9.04 -24.50
CA CYS B 28 -11.69 -9.59 -23.81
C CYS B 28 -12.07 -10.16 -22.46
N GLY B 29 -11.17 -10.97 -21.90
CA GLY B 29 -11.25 -11.35 -20.52
C GLY B 29 -10.55 -10.28 -19.69
N ALA B 30 -10.71 -10.39 -18.38
CA ALA B 30 -10.05 -9.52 -17.44
C ALA B 30 -10.11 -10.17 -16.07
N SER B 31 -9.45 -9.56 -15.07
CA SER B 31 -9.46 -10.12 -13.74
C SER B 31 -9.66 -9.06 -12.67
N LEU B 32 -10.32 -9.48 -11.60
CA LEU B 32 -10.60 -8.64 -10.44
C LEU B 32 -9.47 -8.84 -9.43
N ILE B 33 -8.76 -7.76 -9.10
CA ILE B 33 -7.65 -7.83 -8.14
C ILE B 33 -7.92 -7.07 -6.83
N SER B 34 -9.01 -6.30 -6.80
CA SER B 34 -9.53 -5.67 -5.58
C SER B 34 -10.98 -5.30 -5.86
N ASP B 35 -11.65 -4.65 -4.91
CA ASP B 35 -13.06 -4.26 -5.13
C ASP B 35 -13.20 -3.09 -6.12
N ARG B 36 -12.08 -2.51 -6.53
CA ARG B 36 -12.06 -1.32 -7.38
C ARG B 36 -11.12 -1.41 -8.59
N TRP B 37 -10.28 -2.43 -8.64
CA TRP B 37 -9.28 -2.55 -9.70
C TRP B 37 -9.44 -3.81 -10.54
N VAL B 38 -9.31 -3.64 -11.85
CA VAL B 38 -9.45 -4.72 -12.82
C VAL B 38 -8.21 -4.78 -13.73
N LEU B 39 -7.67 -5.98 -13.91
CA LEU B 39 -6.46 -6.20 -14.70
C LEU B 39 -6.79 -6.84 -16.03
N THR B 40 -6.19 -6.33 -17.10
CA THR B 40 -6.35 -6.87 -18.45
C THR B 40 -5.10 -6.57 -19.30
N ALA B 41 -5.16 -6.93 -20.59
CA ALA B 41 -4.07 -6.69 -21.51
C ALA B 41 -4.22 -5.33 -22.17
N ALA B 42 -3.11 -4.65 -22.40
CA ALA B 42 -3.12 -3.35 -23.07
C ALA B 42 -3.71 -3.40 -24.48
N HIS B 43 -3.45 -4.48 -25.22
CA HIS B 43 -3.94 -4.61 -26.61
C HIS B 43 -5.46 -4.73 -26.69
N CYS B 44 -6.10 -5.07 -25.58
CA CYS B 44 -7.56 -5.06 -25.50
C CYS B 44 -8.15 -3.65 -25.61
N LEU B 45 -7.33 -2.65 -25.27
CA LEU B 45 -7.77 -1.25 -25.27
C LEU B 45 -7.14 -0.46 -26.41
N LEU B 46 -5.86 -0.70 -26.64
CA LEU B 46 -5.12 0.06 -27.65
C LEU B 46 -4.38 -0.88 -28.60
N TYR B 47 -4.79 -0.85 -29.86
CA TYR B 47 -4.11 -1.59 -30.91
C TYR B 47 -4.30 -0.89 -32.25
N PRO B 48 -3.44 0.11 -32.55
CA PRO B 48 -3.52 0.90 -33.78
C PRO B 48 -3.57 0.13 -35.12
N PRO B 49 -2.88 -1.02 -35.24
CA PRO B 49 -3.05 -1.68 -36.55
C PRO B 49 -4.50 -2.06 -36.86
N TRP B 50 -5.31 -2.34 -35.83
CA TRP B 50 -6.74 -2.61 -36.05
C TRP B 50 -7.64 -1.40 -35.79
N ASP B 51 -7.04 -0.21 -35.73
CA ASP B 51 -7.76 1.03 -35.48
C ASP B 51 -8.51 1.02 -34.14
N LYS B 52 -7.86 0.45 -33.13
CA LYS B 52 -8.47 0.26 -31.83
C LYS B 52 -7.87 1.18 -30.77
N ASN B 53 -8.69 2.10 -30.27
CA ASN B 53 -8.31 2.99 -29.17
C ASN B 53 -9.53 3.27 -28.26
N PHE B 54 -9.89 2.28 -27.42
CA PHE B 54 -11.08 2.39 -26.56
C PHE B 54 -10.89 3.32 -25.35
N THR B 55 -11.90 4.14 -25.08
CA THR B 55 -11.92 5.03 -23.92
C THR B 55 -12.91 4.51 -22.88
N VAL B 56 -13.04 5.23 -21.77
CA VAL B 56 -13.97 4.84 -20.70
C VAL B 56 -15.43 4.91 -21.15
N ASP B 57 -15.69 5.71 -22.20
CA ASP B 57 -17.03 5.86 -22.76
C ASP B 57 -17.37 4.80 -23.79
N ASP B 58 -16.44 3.89 -24.07
CA ASP B 58 -16.64 2.83 -25.06
C ASP B 58 -16.85 1.46 -24.43
N LEU B 59 -16.63 1.36 -23.11
CA LEU B 59 -16.47 0.06 -22.46
C LEU B 59 -17.34 -0.16 -21.22
N LEU B 60 -17.61 -1.43 -20.95
CA LEU B 60 -18.26 -1.86 -19.72
C LEU B 60 -17.62 -3.17 -19.26
N VAL B 61 -17.63 -3.40 -17.95
CA VAL B 61 -17.17 -4.69 -17.42
C VAL B 61 -18.31 -5.45 -16.75
N ARG B 62 -18.27 -6.76 -16.90
CA ARG B 62 -19.27 -7.66 -16.34
C ARG B 62 -18.55 -8.59 -15.37
N ILE B 63 -19.08 -8.71 -14.16
CA ILE B 63 -18.43 -9.48 -13.08
C ILE B 63 -19.45 -10.36 -12.38
N GLY B 64 -19.07 -11.61 -12.09
CA GLY B 64 -19.88 -12.51 -11.28
C GLY B 64 -20.71 -13.55 -12.01
N LYS B 65 -20.48 -13.71 -13.32
CA LYS B 65 -21.12 -14.76 -14.12
C LYS B 65 -20.80 -14.57 -15.60
N VAL B 75 -26.75 -11.95 -8.85
CA VAL B 75 -25.39 -12.47 -8.77
C VAL B 75 -24.41 -11.71 -9.67
N GLU B 76 -24.93 -11.11 -10.74
CA GLU B 76 -24.10 -10.41 -11.72
C GLU B 76 -23.99 -8.92 -11.45
N LYS B 77 -22.85 -8.35 -11.83
CA LYS B 77 -22.59 -6.93 -11.65
C LYS B 77 -22.05 -6.33 -12.96
N ILE B 78 -22.66 -5.22 -13.38
CA ILE B 78 -22.21 -4.46 -14.54
C ILE B 78 -21.74 -3.09 -14.07
N SER B 79 -20.56 -2.67 -14.51
CA SER B 79 -19.97 -1.41 -14.06
C SER B 79 -19.28 -0.63 -15.17
N MET B 80 -19.33 0.69 -15.06
CA MET B 80 -18.55 1.61 -15.87
C MET B 80 -17.15 1.75 -15.29
N LEU B 81 -16.26 2.32 -16.08
CA LEU B 81 -14.88 2.53 -15.67
C LEU B 81 -14.61 4.01 -15.46
N ASP B 82 -13.91 4.32 -14.37
CA ASP B 82 -13.52 5.68 -14.05
C ASP B 82 -12.33 6.11 -14.89
N LYS B 83 -11.29 5.27 -14.93
CA LYS B 83 -10.08 5.56 -15.68
C LYS B 83 -9.44 4.29 -16.22
N ILE B 84 -8.71 4.44 -17.32
CA ILE B 84 -7.96 3.38 -17.95
C ILE B 84 -6.48 3.74 -17.83
N TYR B 85 -5.68 2.79 -17.38
CA TYR B 85 -4.24 2.98 -17.30
C TYR B 85 -3.56 1.96 -18.18
N ILE B 86 -2.84 2.45 -19.18
CA ILE B 86 -2.03 1.60 -20.07
C ILE B 86 -0.55 1.81 -19.76
N HIS B 87 0.19 0.71 -19.65
CA HIS B 87 1.64 0.80 -19.41
C HIS B 87 2.30 1.73 -20.43
N PRO B 88 3.11 2.69 -19.96
CA PRO B 88 3.69 3.68 -20.90
C PRO B 88 4.68 3.09 -21.90
N ARG B 89 5.28 1.95 -21.57
CA ARG B 89 6.24 1.29 -22.47
C ARG B 89 5.65 0.05 -23.17
N TYR B 90 4.32 -0.03 -23.20
CA TYR B 90 3.59 -1.01 -24.00
C TYR B 90 4.03 -0.89 -25.46
N ASN B 91 4.50 -1.99 -26.03
CA ASN B 91 5.10 -1.98 -27.37
C ASN B 91 4.25 -2.78 -28.37
N TRP B 92 3.25 -2.12 -28.95
CA TRP B 92 2.37 -2.79 -29.92
C TRP B 92 3.04 -2.97 -31.28
N LYS B 93 3.94 -2.06 -31.66
CA LYS B 93 4.63 -2.09 -32.97
C LYS B 93 5.41 -3.38 -33.24
N GLU B 94 6.10 -3.89 -32.21
CA GLU B 94 7.01 -5.02 -32.42
C GLU B 94 6.53 -6.36 -31.86
N ASN B 95 6.29 -6.44 -30.55
CA ASN B 95 6.09 -7.75 -29.92
C ASN B 95 5.06 -7.84 -28.79
N LEU B 96 4.31 -6.75 -28.57
CA LEU B 96 3.37 -6.64 -27.45
C LEU B 96 4.07 -6.74 -26.07
N ASP B 97 5.28 -6.21 -26.01
CA ASP B 97 6.02 -6.13 -24.75
C ASP B 97 5.25 -5.24 -23.78
N ARG B 98 5.24 -5.62 -22.50
CA ARG B 98 4.49 -4.90 -21.46
C ARG B 98 3.00 -4.75 -21.81
N ASP B 99 2.38 -5.87 -22.17
CA ASP B 99 0.97 -5.90 -22.57
C ASP B 99 0.10 -5.93 -21.32
N ILE B 100 -0.07 -4.77 -20.70
CA ILE B 100 -0.78 -4.69 -19.44
C ILE B 100 -1.50 -3.34 -19.30
N ALA B 101 -2.68 -3.40 -18.69
CA ALA B 101 -3.50 -2.22 -18.47
C ALA B 101 -4.34 -2.42 -17.22
N LEU B 102 -4.58 -1.33 -16.49
CA LEU B 102 -5.43 -1.38 -15.31
C LEU B 102 -6.69 -0.54 -15.49
N LEU B 103 -7.81 -1.12 -15.10
CA LEU B 103 -9.11 -0.47 -15.20
C LEU B 103 -9.65 -0.14 -13.81
N LYS B 104 -9.76 1.15 -13.50
CA LYS B 104 -10.37 1.59 -12.24
C LYS B 104 -11.89 1.65 -12.39
N LEU B 105 -12.60 0.89 -11.57
CA LEU B 105 -14.07 0.89 -11.60
C LEU B 105 -14.64 2.21 -11.09
N LYS B 106 -15.77 2.62 -11.66
CA LYS B 106 -16.46 3.86 -11.29
C LYS B 106 -16.60 3.96 -9.78
N ARG B 107 -17.06 2.87 -9.16
CA ARG B 107 -17.15 2.76 -7.71
C ARG B 107 -16.82 1.33 -7.23
N PRO B 108 -16.38 1.17 -5.97
CA PRO B 108 -16.10 -0.16 -5.43
C PRO B 108 -17.31 -1.10 -5.51
N ILE B 109 -17.07 -2.37 -5.84
CA ILE B 109 -18.16 -3.36 -5.93
C ILE B 109 -18.33 -4.19 -4.67
N GLU B 110 -19.53 -4.78 -4.52
CA GLU B 110 -19.84 -5.64 -3.40
C GLU B 110 -19.37 -7.07 -3.70
N LEU B 111 -18.65 -7.65 -2.74
CA LEU B 111 -18.13 -9.00 -2.90
C LEU B 111 -19.20 -10.02 -2.53
N SER B 112 -19.14 -11.18 -3.18
CA SER B 112 -20.10 -12.26 -2.94
C SER B 112 -19.45 -13.61 -3.21
N ASP B 113 -20.27 -14.66 -3.27
CA ASP B 113 -19.78 -16.01 -3.59
C ASP B 113 -19.21 -16.12 -5.01
N TYR B 114 -19.63 -15.21 -5.88
CA TYR B 114 -19.29 -15.24 -7.31
C TYR B 114 -18.33 -14.11 -7.71
N ILE B 115 -18.06 -13.23 -6.75
CA ILE B 115 -17.24 -12.04 -6.97
C ILE B 115 -16.21 -11.98 -5.83
N HIS B 116 -14.94 -12.13 -6.20
CA HIS B 116 -13.84 -12.22 -5.22
C HIS B 116 -12.52 -12.03 -5.95
N PRO B 117 -11.64 -11.17 -5.42
CA PRO B 117 -10.38 -10.89 -6.12
C PRO B 117 -9.33 -12.01 -6.00
N VAL B 118 -8.49 -12.11 -7.02
CA VAL B 118 -7.33 -12.99 -7.03
C VAL B 118 -6.15 -12.24 -6.39
N CYS B 119 -5.14 -12.97 -5.93
CA CYS B 119 -3.92 -12.38 -5.36
C CYS B 119 -2.90 -12.03 -6.43
N LEU B 120 -2.06 -11.03 -6.14
CA LEU B 120 -0.89 -10.77 -6.95
C LEU B 120 0.34 -11.43 -6.32
N PRO B 121 1.29 -11.90 -7.13
CA PRO B 121 2.41 -12.60 -6.51
C PRO B 121 3.53 -11.65 -6.07
N ASP B 122 4.21 -12.00 -5.00
CA ASP B 122 5.43 -11.31 -4.62
C ASP B 122 6.62 -12.10 -5.18
N LYS B 123 7.84 -11.64 -4.90
CA LYS B 123 9.07 -12.26 -5.37
C LYS B 123 9.06 -13.77 -5.08
N GLN B 124 8.96 -14.11 -3.80
CA GLN B 124 9.00 -15.50 -3.33
C GLN B 124 7.96 -16.41 -4.00
N THR B 125 6.73 -15.93 -4.13
CA THR B 125 5.65 -16.68 -4.78
C THR B 125 5.99 -16.97 -6.26
N ALA B 126 6.53 -15.95 -6.92
CA ALA B 126 6.93 -16.07 -8.32
C ALA B 126 8.10 -17.02 -8.51
N ALA B 127 9.04 -17.00 -7.55
CA ALA B 127 10.18 -17.91 -7.59
C ALA B 127 9.73 -19.35 -7.39
N LYS B 128 8.75 -19.54 -6.51
CA LYS B 128 8.25 -20.88 -6.19
C LYS B 128 7.45 -21.54 -7.30
N LEU B 129 6.64 -20.74 -8.00
CA LEU B 129 5.64 -21.28 -8.90
C LEU B 129 6.04 -21.28 -10.37
N LEU B 130 6.92 -20.35 -10.76
CA LEU B 130 7.26 -20.20 -12.16
C LEU B 130 8.41 -21.12 -12.59
N HIS B 131 8.07 -22.40 -12.76
CA HIS B 131 9.02 -23.39 -13.26
C HIS B 131 8.39 -24.13 -14.44
N ALA B 132 9.18 -24.35 -15.49
CA ALA B 132 8.76 -25.16 -16.62
C ALA B 132 8.13 -26.46 -16.12
N GLY B 133 7.00 -26.85 -16.72
CA GLY B 133 6.29 -28.06 -16.31
C GLY B 133 5.16 -27.82 -15.33
N PHE B 134 5.30 -26.84 -14.43
CA PHE B 134 4.22 -26.50 -13.48
C PHE B 134 3.03 -25.95 -14.28
N LYS B 135 1.82 -26.41 -13.94
CA LYS B 135 0.62 -25.98 -14.66
C LYS B 135 -0.07 -24.78 -14.03
N GLY B 136 -0.52 -23.86 -14.88
CA GLY B 136 -1.42 -22.80 -14.46
C GLY B 136 -2.78 -22.98 -15.08
N ARG B 137 -3.70 -22.07 -14.80
CA ARG B 137 -5.07 -22.19 -15.25
C ARG B 137 -5.53 -20.98 -16.05
N VAL B 138 -6.16 -21.24 -17.18
CA VAL B 138 -6.73 -20.19 -18.02
C VAL B 138 -8.22 -20.42 -18.19
N THR B 139 -8.97 -19.33 -18.04
CA THR B 139 -10.42 -19.34 -18.06
C THR B 139 -10.91 -18.21 -18.96
N GLY B 140 -12.04 -18.41 -19.61
CA GLY B 140 -12.65 -17.35 -20.38
C GLY B 140 -13.93 -17.73 -21.09
N TRP B 141 -14.49 -16.76 -21.80
CA TRP B 141 -15.77 -16.89 -22.46
C TRP B 141 -15.60 -16.86 -23.97
N GLY B 142 -14.33 -16.83 -24.41
CA GLY B 142 -13.99 -16.76 -25.82
C GLY B 142 -14.31 -18.04 -26.58
N ASN B 143 -13.93 -18.07 -27.85
CA ASN B 143 -14.31 -19.15 -28.77
C ASN B 143 -13.79 -20.53 -28.38
N ARG B 144 -14.63 -21.54 -28.60
CA ARG B 144 -14.27 -22.95 -28.42
C ARG B 144 -13.40 -23.43 -29.57
N ARG B 145 -13.62 -22.84 -30.74
CA ARG B 145 -12.92 -23.24 -31.97
C ARG B 145 -12.36 -22.03 -32.72
N GLU B 146 -11.22 -22.22 -33.37
CA GLU B 146 -10.63 -21.22 -34.26
C GLU B 146 -11.29 -21.29 -35.64
N GLN B 156 -19.26 -19.82 -29.12
CA GLN B 156 -20.14 -19.10 -28.19
C GLN B 156 -20.54 -20.01 -27.02
N PRO B 157 -19.66 -20.16 -26.01
CA PRO B 157 -20.02 -21.00 -24.85
C PRO B 157 -21.00 -20.31 -23.89
N SER B 158 -21.93 -21.09 -23.36
CA SER B 158 -22.92 -20.57 -22.41
C SER B 158 -22.41 -20.70 -20.98
N VAL B 159 -21.30 -21.43 -20.82
CA VAL B 159 -20.66 -21.61 -19.52
C VAL B 159 -19.18 -21.20 -19.61
N LEU B 160 -18.70 -20.54 -18.56
CA LEU B 160 -17.28 -20.25 -18.42
C LEU B 160 -16.47 -21.53 -18.69
N GLN B 161 -15.44 -21.39 -19.51
CA GLN B 161 -14.58 -22.51 -19.85
C GLN B 161 -13.26 -22.43 -19.07
N VAL B 162 -12.70 -23.61 -18.76
CA VAL B 162 -11.45 -23.69 -18.03
C VAL B 162 -10.50 -24.70 -18.67
N VAL B 163 -9.21 -24.36 -18.70
CA VAL B 163 -8.17 -25.28 -19.12
C VAL B 163 -6.91 -25.04 -18.28
N ASN B 164 -6.23 -26.15 -17.93
CA ASN B 164 -4.97 -26.05 -17.23
C ASN B 164 -3.82 -26.38 -18.18
N LEU B 165 -2.79 -25.53 -18.14
CA LEU B 165 -1.71 -25.58 -19.13
C LEU B 165 -0.34 -25.46 -18.47
N PRO B 166 0.65 -26.23 -18.96
CA PRO B 166 1.98 -26.22 -18.34
C PRO B 166 2.85 -25.07 -18.84
N LEU B 167 3.61 -24.49 -17.92
CA LEU B 167 4.59 -23.49 -18.28
C LEU B 167 5.68 -24.12 -19.14
N VAL B 168 6.17 -23.39 -20.13
CA VAL B 168 7.15 -23.94 -21.06
C VAL B 168 8.54 -23.31 -20.89
N GLU B 169 9.60 -24.11 -21.11
CA GLU B 169 10.97 -23.61 -21.05
C GLU B 169 11.12 -22.39 -21.94
N ARG B 170 11.81 -21.36 -21.45
CA ARG B 170 11.99 -20.13 -22.22
C ARG B 170 12.66 -20.34 -23.60
N PRO B 171 13.70 -21.20 -23.70
CA PRO B 171 14.28 -21.43 -25.04
C PRO B 171 13.34 -22.16 -26.00
N VAL B 172 12.45 -22.99 -25.46
CA VAL B 172 11.43 -23.66 -26.26
C VAL B 172 10.42 -22.61 -26.76
N CYS B 173 10.03 -21.70 -25.88
CA CYS B 173 9.16 -20.59 -26.24
C CYS B 173 9.77 -19.75 -27.37
N LYS B 174 11.05 -19.42 -27.25
CA LYS B 174 11.74 -18.56 -28.23
C LYS B 174 11.95 -19.25 -29.58
N ALA B 175 12.20 -20.56 -29.54
CA ALA B 175 12.38 -21.33 -30.77
C ALA B 175 11.07 -21.62 -31.52
N SER B 176 9.93 -21.30 -30.92
CA SER B 176 8.61 -21.63 -31.49
C SER B 176 8.03 -20.52 -32.38
N THR B 177 8.68 -19.35 -32.36
CA THR B 177 8.14 -18.16 -32.94
C THR B 177 9.27 -17.29 -33.44
N ARG B 178 8.95 -16.29 -34.27
CA ARG B 178 9.95 -15.34 -34.77
C ARG B 178 9.90 -14.01 -34.01
N ILE B 179 8.82 -13.81 -33.27
CA ILE B 179 8.69 -12.65 -32.40
C ILE B 179 9.79 -12.66 -31.32
N ARG B 180 10.40 -11.50 -31.10
CA ARG B 180 11.38 -11.31 -30.03
C ARG B 180 10.68 -11.41 -28.68
N ILE B 181 11.12 -12.36 -27.86
CA ILE B 181 10.53 -12.63 -26.55
C ILE B 181 11.31 -11.91 -25.46
N THR B 182 10.62 -11.13 -24.65
CA THR B 182 11.26 -10.41 -23.55
C THR B 182 10.99 -11.10 -22.21
N ASP B 183 11.73 -10.70 -21.19
CA ASP B 183 11.57 -11.19 -19.83
C ASP B 183 10.21 -10.81 -19.22
N ASN B 184 9.48 -9.91 -19.88
CA ASN B 184 8.13 -9.55 -19.43
C ASN B 184 7.04 -10.47 -19.99
N MET B 185 7.46 -11.56 -20.64
CA MET B 185 6.54 -12.56 -21.18
C MET B 185 6.95 -13.94 -20.76
N PHE B 186 5.97 -14.82 -20.58
CA PHE B 186 6.24 -16.26 -20.57
C PHE B 186 5.26 -16.98 -21.51
N CYS B 187 5.55 -18.23 -21.84
CA CYS B 187 4.64 -18.99 -22.66
C CYS B 187 4.25 -20.29 -21.96
N ALA B 188 3.09 -20.82 -22.33
CA ALA B 188 2.50 -21.99 -21.69
C ALA B 188 1.68 -22.73 -22.73
N GLY B 189 1.45 -24.01 -22.48
CA GLY B 189 0.70 -24.86 -23.40
C GLY B 189 1.43 -26.18 -23.60
N TYR B 190 0.72 -27.17 -24.13
CA TYR B 190 1.30 -28.50 -24.36
C TYR B 190 2.19 -28.51 -25.59
N LYS B 191 3.21 -29.33 -25.52
CA LYS B 191 4.12 -29.56 -26.63
C LYS B 191 3.49 -30.61 -27.55
N PRO B 192 3.88 -30.61 -28.85
CA PRO B 192 3.38 -31.66 -29.73
C PRO B 192 3.67 -33.05 -29.14
N GLY B 193 2.63 -33.87 -29.04
CA GLY B 193 2.77 -35.23 -28.50
C GLY B 193 2.80 -35.37 -26.98
N GLU B 194 2.54 -34.29 -26.25
CA GLU B 194 2.55 -34.32 -24.78
C GLU B 194 1.31 -35.03 -24.22
N GLY B 195 0.30 -35.23 -25.06
CA GLY B 195 -0.86 -36.03 -24.66
C GLY B 195 -2.12 -35.23 -24.44
N LYS B 196 -1.99 -33.91 -24.42
CA LYS B 196 -3.13 -33.03 -24.21
C LYS B 196 -3.06 -31.80 -25.14
N ARG B 197 -4.19 -31.09 -25.26
CA ARG B 197 -4.29 -29.87 -26.07
C ARG B 197 -4.85 -28.74 -25.19
N GLY B 198 -5.00 -27.56 -25.77
CA GLY B 198 -5.65 -26.47 -25.08
C GLY B 198 -4.96 -25.14 -25.25
N ASP B 199 -5.75 -24.08 -25.23
CA ASP B 199 -5.25 -22.73 -25.44
C ASP B 199 -6.36 -21.70 -25.22
N ALA B 200 -5.96 -20.46 -25.01
CA ALA B 200 -6.88 -19.34 -25.10
C ALA B 200 -7.19 -19.12 -26.58
N CYS B 201 -8.29 -18.42 -26.87
CA CYS B 201 -8.65 -18.06 -28.24
C CYS B 201 -9.40 -16.73 -28.24
N GLU B 202 -9.96 -16.36 -29.39
CA GLU B 202 -10.64 -15.08 -29.58
C GLU B 202 -11.72 -14.80 -28.54
N GLY B 203 -11.45 -13.82 -27.68
CA GLY B 203 -12.39 -13.44 -26.60
C GLY B 203 -11.85 -13.71 -25.19
N ASP B 204 -10.73 -14.46 -25.10
CA ASP B 204 -10.14 -14.83 -23.83
C ASP B 204 -8.98 -13.91 -23.46
N SER B 205 -8.49 -13.21 -24.48
CA SER B 205 -7.34 -12.35 -24.34
C SER B 205 -7.58 -11.32 -23.23
N GLY B 206 -6.53 -10.99 -22.48
CA GLY B 206 -6.66 -10.12 -21.32
C GLY B 206 -7.03 -10.84 -20.04
N GLY B 207 -7.54 -12.07 -20.17
CA GLY B 207 -7.93 -12.89 -19.02
C GLY B 207 -6.75 -13.43 -18.22
N PRO B 208 -7.04 -14.05 -17.07
CA PRO B 208 -5.99 -14.40 -16.13
C PRO B 208 -5.41 -15.81 -16.31
N PHE B 209 -4.09 -15.92 -16.12
CA PHE B 209 -3.39 -17.20 -15.99
C PHE B 209 -3.08 -17.31 -14.50
N VAL B 210 -3.81 -18.19 -13.81
CA VAL B 210 -3.67 -18.31 -12.35
C VAL B 210 -2.99 -19.60 -11.92
N MET B 211 -2.36 -19.56 -10.75
CA MET B 211 -1.69 -20.72 -10.18
C MET B 211 -1.99 -20.76 -8.69
N LYS B 212 -2.22 -21.98 -8.19
CA LYS B 212 -2.51 -22.15 -6.77
C LYS B 212 -1.24 -22.46 -5.98
N SER B 213 -1.03 -21.66 -4.94
CA SER B 213 0.13 -21.83 -4.07
C SER B 213 -0.12 -22.90 -3.02
N PRO B 214 0.77 -23.91 -2.93
CA PRO B 214 0.66 -24.91 -1.87
C PRO B 214 0.99 -24.34 -0.50
N TYR B 215 1.80 -23.29 -0.46
CA TYR B 215 2.23 -22.68 0.80
C TYR B 215 1.07 -22.11 1.63
N ASN B 216 0.09 -21.50 0.97
CA ASN B 216 -1.02 -20.85 1.66
C ASN B 216 -2.42 -21.12 1.06
N ASN B 217 -2.51 -22.05 0.11
CA ASN B 217 -3.81 -22.48 -0.44
C ASN B 217 -4.53 -21.39 -1.24
N ARG B 218 -3.81 -20.36 -1.68
CA ARG B 218 -4.41 -19.24 -2.40
C ARG B 218 -4.05 -19.23 -3.87
N TRP B 219 -4.93 -18.64 -4.68
CA TRP B 219 -4.69 -18.45 -6.10
C TRP B 219 -4.02 -17.12 -6.36
N TYR B 220 -2.99 -17.16 -7.21
CA TYR B 220 -2.24 -15.97 -7.60
C TYR B 220 -2.34 -15.82 -9.10
N GLN B 221 -2.50 -14.59 -9.57
CA GLN B 221 -2.45 -14.35 -11.01
C GLN B 221 -1.01 -14.13 -11.45
N MET B 222 -0.49 -15.09 -12.22
CA MET B 222 0.89 -15.05 -12.70
C MET B 222 1.01 -14.42 -14.08
N GLY B 223 -0.04 -14.55 -14.88
CA GLY B 223 -0.01 -14.04 -16.24
C GLY B 223 -1.31 -13.45 -16.73
N ILE B 224 -1.23 -12.78 -17.87
CA ILE B 224 -2.39 -12.23 -18.55
C ILE B 224 -2.30 -12.76 -19.98
N VAL B 225 -3.37 -13.39 -20.47
CA VAL B 225 -3.40 -13.83 -21.86
C VAL B 225 -3.06 -12.63 -22.75
N SER B 226 -1.94 -12.74 -23.46
CA SER B 226 -1.45 -11.62 -24.27
C SER B 226 -1.58 -11.86 -25.77
N TRP B 227 -0.89 -12.89 -26.29
CA TRP B 227 -0.92 -13.18 -27.73
C TRP B 227 -0.57 -14.63 -28.06
N GLY B 228 -0.96 -15.05 -29.26
CA GLY B 228 -0.61 -16.35 -29.82
C GLY B 228 -0.58 -16.25 -31.32
N GLU B 229 -0.13 -17.30 -31.98
CA GLU B 229 -0.18 -17.38 -33.44
C GLU B 229 -1.19 -18.46 -33.82
N GLY B 230 -2.46 -18.07 -33.86
CA GLY B 230 -3.56 -19.02 -33.95
C GLY B 230 -3.84 -19.62 -32.59
N CYS B 231 -4.97 -20.32 -32.46
CA CYS B 231 -5.37 -20.93 -31.21
C CYS B 231 -5.09 -22.43 -31.28
N ASP B 232 -4.37 -22.93 -30.27
CA ASP B 232 -4.13 -24.36 -30.10
C ASP B 232 -3.45 -25.02 -31.31
N ARG B 233 -2.39 -24.38 -31.83
CA ARG B 233 -1.62 -24.96 -32.93
C ARG B 233 -0.44 -25.75 -32.42
N ASP B 234 -0.22 -26.94 -33.01
CA ASP B 234 0.94 -27.77 -32.68
C ASP B 234 2.23 -26.99 -32.89
N GLY B 235 3.08 -26.99 -31.87
CA GLY B 235 4.39 -26.33 -31.95
C GLY B 235 4.35 -24.83 -31.69
N LYS B 236 3.17 -24.31 -31.37
CA LYS B 236 2.99 -22.95 -30.91
C LYS B 236 2.52 -22.92 -29.46
N TYR B 237 2.75 -21.80 -28.80
CA TYR B 237 2.41 -21.64 -27.40
C TYR B 237 1.76 -20.29 -27.20
N GLY B 238 0.93 -20.21 -26.16
CA GLY B 238 0.33 -18.95 -25.76
C GLY B 238 1.38 -18.13 -25.04
N PHE B 239 1.35 -16.83 -25.26
CA PHE B 239 2.24 -15.94 -24.54
C PHE B 239 1.44 -15.09 -23.57
N TYR B 240 2.01 -14.91 -22.38
CA TYR B 240 1.32 -14.28 -21.26
C TYR B 240 2.19 -13.18 -20.73
N THR B 241 1.57 -12.04 -20.42
CA THR B 241 2.24 -10.97 -19.72
C THR B 241 2.64 -11.49 -18.34
N HIS B 242 3.91 -11.31 -18.01
CA HIS B 242 4.49 -11.76 -16.75
C HIS B 242 4.13 -10.76 -15.64
N VAL B 243 3.11 -11.12 -14.85
CA VAL B 243 2.53 -10.20 -13.84
C VAL B 243 3.54 -9.73 -12.78
N PHE B 244 4.27 -10.66 -12.16
CA PHE B 244 5.26 -10.24 -11.17
C PHE B 244 6.28 -9.20 -11.69
N ARG B 245 6.74 -9.38 -12.93
CA ARG B 245 7.75 -8.46 -13.49
C ARG B 245 7.24 -7.06 -13.84
N LEU B 246 5.91 -6.90 -13.84
CA LEU B 246 5.29 -5.60 -14.07
C LEU B 246 4.63 -5.05 -12.80
N LYS B 247 4.94 -5.66 -11.65
CA LYS B 247 4.28 -5.30 -10.40
C LYS B 247 4.64 -3.89 -9.93
N LYS B 248 5.87 -3.46 -10.23
CA LYS B 248 6.32 -2.09 -9.92
C LYS B 248 5.38 -1.05 -10.53
N TRP B 249 4.97 -1.27 -11.77
CA TRP B 249 4.05 -0.36 -12.45
C TRP B 249 2.64 -0.51 -11.87
N ILE B 250 2.21 -1.74 -11.64
CA ILE B 250 0.91 -2.00 -11.00
C ILE B 250 0.80 -1.24 -9.68
N GLN B 251 1.81 -1.38 -8.82
CA GLN B 251 1.89 -0.67 -7.54
C GLN B 251 1.81 0.84 -7.68
N LYS B 252 2.54 1.39 -8.64
CA LYS B 252 2.57 2.84 -8.87
C LYS B 252 1.20 3.45 -9.17
N VAL B 253 0.42 2.83 -10.07
CA VAL B 253 -0.87 3.43 -10.48
C VAL B 253 -1.98 3.22 -9.45
N ILE B 254 -2.00 2.06 -8.81
CA ILE B 254 -3.04 1.73 -7.81
C ILE B 254 -2.91 2.55 -6.54
N ASP B 255 -1.68 2.89 -6.17
CA ASP B 255 -1.38 3.71 -5.01
C ASP B 255 -1.88 3.06 -3.71
N ARG B 256 -3.02 3.53 -3.19
CA ARG B 256 -3.59 3.08 -1.89
C ARG B 256 -2.79 3.59 -0.69
N GLU C 1 -6.29 5.63 4.20
CA GLU C 1 -7.70 5.18 4.36
C GLU C 1 -8.69 6.32 4.13
N ALA C 2 -9.92 5.96 3.76
CA ALA C 2 -11.00 6.91 3.47
C ALA C 2 -11.41 7.75 4.69
N ASP C 3 -11.11 7.24 5.88
CA ASP C 3 -11.49 7.90 7.12
C ASP C 3 -10.34 8.53 7.91
N CYS C 4 -9.18 8.67 7.27
CA CYS C 4 -8.00 9.20 7.96
C CYS C 4 -8.24 10.60 8.53
N GLY C 5 -7.62 10.87 9.69
CA GLY C 5 -7.55 12.22 10.23
C GLY C 5 -8.86 12.82 10.72
N LEU C 6 -9.86 11.96 10.89
CA LEU C 6 -11.13 12.34 11.50
C LEU C 6 -11.27 11.54 12.78
N ARG C 7 -11.25 12.24 13.92
CA ARG C 7 -11.24 11.59 15.23
C ARG C 7 -12.64 11.21 15.68
N PRO C 8 -12.83 9.95 16.11
CA PRO C 8 -14.13 9.48 16.57
C PRO C 8 -14.71 10.32 17.72
N LEU C 9 -13.87 10.77 18.64
CA LEU C 9 -14.35 11.53 19.80
C LEU C 9 -14.42 13.05 19.55
N PHE C 10 -13.99 13.49 18.37
CA PHE C 10 -14.07 14.92 18.04
C PHE C 10 -14.82 15.25 16.75
N GLU C 11 -14.14 15.25 15.61
CA GLU C 11 -14.77 15.59 14.32
C GLU C 11 -16.00 14.74 13.99
N LYS C 12 -15.93 13.45 14.35
CA LYS C 12 -17.04 12.53 14.08
C LYS C 12 -18.28 12.85 14.91
N LYS C 13 -18.09 13.52 16.05
CA LYS C 13 -19.18 13.86 16.96
C LYS C 13 -19.50 15.37 17.00
N GLN C 14 -18.92 16.13 16.07
CA GLN C 14 -19.14 17.58 15.95
C GLN C 14 -18.65 18.37 17.17
N VAL C 15 -17.62 17.85 17.81
CA VAL C 15 -17.04 18.43 19.01
C VAL C 15 -15.61 18.88 18.69
N GLN C 16 -15.31 20.15 18.90
CA GLN C 16 -13.93 20.62 18.71
C GLN C 16 -13.13 20.47 20.01
N ASP C 17 -11.83 20.19 19.88
CA ASP C 17 -10.96 20.05 21.05
C ASP C 17 -10.57 21.42 21.63
N GLN C 18 -9.93 21.42 22.81
CA GLN C 18 -9.71 22.65 23.59
C GLN C 18 -8.79 23.72 22.97
N THR C 19 -7.92 23.32 22.05
CA THR C 19 -6.95 24.26 21.49
C THR C 19 -6.98 24.38 19.96
N GLU C 20 -7.87 23.62 19.33
CA GLU C 20 -8.14 23.72 17.89
C GLU C 20 -8.24 25.16 17.39
N LYS C 21 -8.93 26.01 18.16
CA LYS C 21 -9.14 27.41 17.78
C LYS C 21 -7.83 28.17 17.60
N GLU C 22 -6.80 27.77 18.34
CA GLU C 22 -5.47 28.36 18.24
C GLU C 22 -4.83 28.09 16.86
N LEU C 23 -5.11 26.90 16.30
CA LEU C 23 -4.64 26.52 14.97
C LEU C 23 -5.31 27.36 13.87
N PHE C 24 -6.64 27.38 13.88
CA PHE C 24 -7.39 28.16 12.89
C PHE C 24 -7.08 29.66 12.94
N GLU C 25 -6.89 30.18 14.15
CA GLU C 25 -6.51 31.57 14.34
C GLU C 25 -5.19 31.90 13.60
N SER C 26 -4.24 30.97 13.61
CA SER C 26 -2.94 31.17 12.96
C SER C 26 -3.02 31.29 11.44
N TYR C 27 -4.11 30.79 10.86
CA TYR C 27 -4.38 30.88 9.42
C TYR C 27 -4.85 32.26 8.96
N ILE C 28 -5.41 33.06 9.87
CA ILE C 28 -6.10 34.30 9.46
C ILE C 28 -5.17 35.36 8.87
N GLU C 29 -5.70 36.07 7.87
CA GLU C 29 -4.99 37.13 7.11
C GLU C 29 -4.20 36.55 5.95
N ILE D 1 7.27 16.82 26.12
CA ILE D 1 6.71 18.13 25.64
C ILE D 1 6.92 19.23 26.68
N VAL D 2 7.57 20.31 26.28
CA VAL D 2 7.80 21.44 27.17
C VAL D 2 6.68 22.47 27.00
N GLU D 3 6.17 22.96 28.14
CA GLU D 3 5.15 24.03 28.18
C GLU D 3 3.87 23.69 27.40
N GLY D 4 3.42 22.45 27.53
CA GLY D 4 2.14 22.02 26.97
C GLY D 4 1.11 21.82 28.06
N GLN D 5 0.04 21.11 27.72
CA GLN D 5 -1.00 20.78 28.68
C GLN D 5 -1.44 19.32 28.48
N ASP D 6 -2.20 18.81 29.43
CA ASP D 6 -2.78 17.48 29.31
C ASP D 6 -3.69 17.41 28.08
N ALA D 7 -3.45 16.40 27.24
CA ALA D 7 -4.31 16.12 26.11
C ALA D 7 -5.64 15.57 26.62
N GLU D 8 -6.74 16.01 26.01
CA GLU D 8 -8.03 15.40 26.28
C GLU D 8 -7.92 13.94 25.84
N VAL D 9 -8.84 13.10 26.33
CA VAL D 9 -8.91 11.71 25.91
C VAL D 9 -9.30 11.66 24.42
N GLY D 10 -8.60 10.84 23.65
CA GLY D 10 -8.92 10.66 22.22
C GLY D 10 -8.47 11.81 21.32
N LEU D 11 -7.68 12.73 21.87
CA LEU D 11 -7.18 13.89 21.13
C LEU D 11 -6.27 13.50 19.97
N SER D 12 -5.44 12.49 20.18
CA SER D 12 -4.48 12.07 19.17
C SER D 12 -4.58 10.55 19.03
N PRO D 13 -5.66 10.06 18.38
CA PRO D 13 -5.88 8.60 18.33
C PRO D 13 -4.85 7.86 17.48
N TRP D 14 -4.02 8.61 16.75
CA TRP D 14 -2.92 8.04 15.97
C TRP D 14 -1.62 7.93 16.76
N GLN D 15 -1.64 8.37 18.02
CA GLN D 15 -0.45 8.37 18.87
C GLN D 15 0.02 6.95 19.16
N VAL D 16 1.32 6.71 18.97
CA VAL D 16 1.92 5.40 19.18
C VAL D 16 3.16 5.53 20.07
N MET D 17 3.25 4.68 21.08
CA MET D 17 4.46 4.57 21.89
C MET D 17 5.38 3.50 21.31
N LEU D 18 6.64 3.85 21.12
CA LEU D 18 7.63 2.86 20.71
C LEU D 18 8.49 2.45 21.91
N PHE D 19 8.53 1.14 22.17
CA PHE D 19 9.15 0.57 23.38
C PHE D 19 10.31 -0.37 23.09
N ARG D 20 11.31 -0.32 23.96
CA ARG D 20 12.33 -1.36 24.03
C ARG D 20 11.81 -2.42 24.98
N LYS D 21 11.99 -3.70 24.63
CA LYS D 21 11.54 -4.81 25.48
C LYS D 21 12.47 -4.99 26.67
N SER D 22 13.76 -5.06 26.38
CA SER D 22 14.77 -5.41 27.37
C SER D 22 16.01 -4.53 27.27
N PRO D 23 16.21 -3.65 28.26
CA PRO D 23 15.28 -3.40 29.37
C PRO D 23 14.11 -2.55 28.89
N GLN D 24 13.08 -2.39 29.71
CA GLN D 24 11.92 -1.66 29.24
C GLN D 24 12.09 -0.13 29.38
N GLU D 25 11.93 0.55 28.25
CA GLU D 25 11.95 2.00 28.22
C GLU D 25 11.13 2.51 27.05
N LEU D 26 10.43 3.61 27.30
CA LEU D 26 9.77 4.35 26.26
C LEU D 26 10.86 5.03 25.43
N LEU D 27 11.07 4.53 24.21
CA LEU D 27 12.13 5.04 23.34
C LEU D 27 11.72 6.31 22.62
N CYS D 28 10.54 6.29 22.02
CA CYS D 28 10.17 7.30 21.04
C CYS D 28 8.68 7.37 20.84
N GLY D 29 8.24 8.49 20.26
CA GLY D 29 6.91 8.61 19.73
C GLY D 29 6.87 8.01 18.34
N ALA D 30 5.65 7.90 17.81
CA ALA D 30 5.37 7.35 16.49
C ALA D 30 3.91 7.66 16.19
N SER D 31 3.44 7.29 15.00
CA SER D 31 2.06 7.57 14.60
C SER D 31 1.44 6.46 13.73
N LEU D 32 0.13 6.32 13.86
CA LEU D 32 -0.65 5.36 13.10
C LEU D 32 -1.05 6.02 11.78
N ILE D 33 -0.60 5.48 10.65
CA ILE D 33 -0.93 6.06 9.33
C ILE D 33 -1.83 5.17 8.46
N SER D 34 -2.02 3.93 8.92
CA SER D 34 -3.07 3.03 8.42
C SER D 34 -3.21 1.97 9.49
N ASP D 35 -4.11 1.02 9.30
CA ASP D 35 -4.34 -0.02 10.30
C ASP D 35 -3.17 -1.01 10.43
N ARG D 36 -2.25 -0.95 9.48
CA ARG D 36 -1.10 -1.85 9.42
C ARG D 36 0.25 -1.13 9.56
N TRP D 37 0.28 0.18 9.34
CA TRP D 37 1.55 0.92 9.28
C TRP D 37 1.75 2.00 10.34
N VAL D 38 2.98 2.07 10.85
CA VAL D 38 3.36 3.07 11.83
C VAL D 38 4.53 3.92 11.33
N LEU D 39 4.39 5.23 11.44
CA LEU D 39 5.43 6.16 11.03
C LEU D 39 6.19 6.67 12.26
N THR D 40 7.52 6.68 12.14
CA THR D 40 8.39 7.16 13.21
C THR D 40 9.69 7.76 12.62
N ALA D 41 10.63 8.12 13.49
CA ALA D 41 11.91 8.67 13.06
C ALA D 41 12.95 7.55 12.98
N ALA D 42 13.82 7.62 11.97
CA ALA D 42 14.88 6.62 11.77
C ALA D 42 15.85 6.52 12.95
N HIS D 43 16.16 7.67 13.57
CA HIS D 43 17.15 7.71 14.65
C HIS D 43 16.67 6.98 15.90
N CYS D 44 15.36 6.78 15.98
CA CYS D 44 14.76 5.96 17.03
C CYS D 44 15.11 4.48 16.94
N LEU D 45 15.52 4.04 15.75
CA LEU D 45 15.83 2.62 15.51
C LEU D 45 17.30 2.39 15.20
N LEU D 46 17.93 3.34 14.53
CA LEU D 46 19.28 3.16 14.02
C LEU D 46 20.18 4.36 14.30
N TYR D 47 21.16 4.15 15.18
CA TYR D 47 22.17 5.16 15.43
C TYR D 47 23.47 4.49 15.87
N PRO D 48 24.34 4.15 14.90
CA PRO D 48 25.58 3.39 15.16
C PRO D 48 26.56 3.94 16.22
N PRO D 49 26.65 5.29 16.41
CA PRO D 49 27.56 5.78 17.46
C PRO D 49 27.16 5.34 18.87
N TRP D 50 25.86 5.11 19.09
CA TRP D 50 25.38 4.58 20.36
C TRP D 50 25.11 3.07 20.26
N ASP D 51 25.75 2.42 19.30
CA ASP D 51 25.60 0.98 19.04
C ASP D 51 24.13 0.55 18.91
N LYS D 52 23.28 1.47 18.46
CA LYS D 52 21.84 1.28 18.42
C LYS D 52 21.38 0.78 17.06
N ASN D 53 20.76 -0.40 17.06
CA ASN D 53 20.27 -1.02 15.85
C ASN D 53 19.15 -2.02 16.15
N PHE D 54 17.98 -1.49 16.47
CA PHE D 54 16.85 -2.31 16.88
C PHE D 54 16.19 -3.12 15.75
N THR D 55 16.18 -4.44 15.94
CA THR D 55 15.45 -5.36 15.07
C THR D 55 14.00 -5.45 15.56
N VAL D 56 13.15 -6.12 14.78
CA VAL D 56 11.74 -6.29 15.14
C VAL D 56 11.52 -7.03 16.46
N ASP D 57 12.46 -7.91 16.82
CA ASP D 57 12.37 -8.69 18.06
C ASP D 57 12.72 -7.88 19.32
N ASP D 58 13.37 -6.73 19.16
CA ASP D 58 13.74 -5.87 20.29
C ASP D 58 12.63 -4.93 20.73
N LEU D 59 11.59 -4.79 19.91
CA LEU D 59 10.63 -3.70 20.07
C LEU D 59 9.16 -4.10 20.23
N LEU D 60 8.40 -3.21 20.86
CA LEU D 60 6.96 -3.28 20.92
C LEU D 60 6.39 -1.90 20.67
N VAL D 61 5.18 -1.84 20.12
CA VAL D 61 4.45 -0.58 20.03
C VAL D 61 3.21 -0.62 20.93
N ARG D 62 2.74 0.56 21.33
CA ARG D 62 1.62 0.68 22.23
C ARG D 62 0.68 1.78 21.73
N ILE D 63 -0.54 1.38 21.38
CA ILE D 63 -1.48 2.27 20.70
C ILE D 63 -2.74 2.44 21.54
N GLY D 64 -3.32 3.64 21.46
CA GLY D 64 -4.56 3.95 22.18
C GLY D 64 -4.37 4.41 23.60
N LYS D 65 -3.15 4.82 23.94
CA LYS D 65 -2.82 5.18 25.32
C LYS D 65 -3.09 6.64 25.68
N HIS D 66 -3.39 6.85 26.95
CA HIS D 66 -3.50 8.19 27.52
C HIS D 66 -2.46 8.38 28.64
N SER D 67 -2.49 7.49 29.63
CA SER D 67 -1.50 7.44 30.70
C SER D 67 -0.14 7.00 30.15
N ARG D 68 0.94 7.46 30.77
CA ARG D 68 2.30 7.12 30.32
C ARG D 68 2.75 5.74 30.78
N THR D 69 2.47 5.41 32.04
CA THR D 69 3.03 4.22 32.68
C THR D 69 1.96 3.15 32.93
N ARG D 70 0.75 3.58 33.27
CA ARG D 70 -0.34 2.69 33.66
C ARG D 70 -0.89 1.92 32.46
N TYR D 71 -1.03 0.60 32.62
CA TYR D 71 -1.63 -0.24 31.58
C TYR D 71 -3.15 -0.02 31.51
N GLU D 72 -3.63 0.31 30.32
CA GLU D 72 -5.01 0.73 30.11
C GLU D 72 -5.79 -0.35 29.35
N ARG D 73 -6.29 -1.33 30.09
CA ARG D 73 -6.88 -2.57 29.55
C ARG D 73 -7.97 -2.38 28.50
N LYS D 74 -8.85 -1.41 28.73
CA LYS D 74 -10.00 -1.16 27.84
C LYS D 74 -9.65 -0.50 26.50
N VAL D 75 -8.55 0.26 26.47
CA VAL D 75 -8.24 1.08 25.28
C VAL D 75 -6.92 0.72 24.58
N GLU D 76 -5.97 0.20 25.35
CA GLU D 76 -4.59 -0.03 24.90
C GLU D 76 -4.47 -1.30 24.06
N LYS D 77 -3.72 -1.21 22.96
CA LYS D 77 -3.37 -2.38 22.15
C LYS D 77 -1.86 -2.51 22.01
N ILE D 78 -1.35 -3.69 22.35
CA ILE D 78 0.07 -4.01 22.24
C ILE D 78 0.26 -4.78 20.94
N SER D 79 1.32 -4.45 20.20
N SER D 79 1.32 -4.45 20.20
CA SER D 79 1.59 -5.09 18.91
CA SER D 79 1.58 -5.07 18.90
C SER D 79 3.06 -5.33 18.64
C SER D 79 3.06 -5.34 18.63
N MET D 80 3.37 -6.54 18.16
N MET D 80 3.35 -6.55 18.14
CA MET D 80 4.70 -6.85 17.66
CA MET D 80 4.68 -6.86 17.64
C MET D 80 4.80 -6.32 16.24
C MET D 80 4.81 -6.31 16.23
N LEU D 81 6.04 -6.18 15.76
CA LEU D 81 6.30 -5.63 14.43
C LEU D 81 6.64 -6.74 13.43
N ASP D 82 6.13 -6.60 12.21
CA ASP D 82 6.45 -7.51 11.12
C ASP D 82 7.82 -7.19 10.55
N LYS D 83 8.03 -5.92 10.23
CA LYS D 83 9.23 -5.49 9.51
C LYS D 83 9.51 -4.00 9.74
N ILE D 84 10.79 -3.63 9.72
CA ILE D 84 11.25 -2.25 9.84
C ILE D 84 11.85 -1.79 8.50
N TYR D 85 11.45 -0.60 8.07
CA TYR D 85 12.01 0.03 6.87
C TYR D 85 12.64 1.35 7.25
N ILE D 86 13.92 1.51 6.92
CA ILE D 86 14.59 2.79 7.15
C ILE D 86 14.97 3.40 5.81
N HIS D 87 14.82 4.72 5.68
CA HIS D 87 15.20 5.39 4.44
C HIS D 87 16.66 5.08 4.07
N PRO D 88 16.88 4.60 2.83
CA PRO D 88 18.23 4.24 2.35
C PRO D 88 19.23 5.41 2.40
N ARG D 89 18.73 6.64 2.40
CA ARG D 89 19.60 7.80 2.44
C ARG D 89 19.54 8.55 3.77
N TYR D 90 19.07 7.86 4.81
CA TYR D 90 19.13 8.37 6.18
C TYR D 90 20.58 8.71 6.56
N ASN D 91 20.80 9.95 6.99
CA ASN D 91 22.13 10.48 7.25
C ASN D 91 22.31 10.79 8.74
N TRP D 92 22.91 9.86 9.48
CA TRP D 92 23.13 10.05 10.93
C TRP D 92 24.45 10.74 11.27
N LYS D 93 25.44 10.65 10.38
CA LYS D 93 26.78 11.21 10.61
C LYS D 93 26.74 12.71 10.83
N GLU D 94 25.95 13.41 10.03
CA GLU D 94 26.00 14.87 9.96
C GLU D 94 24.79 15.60 10.56
N ASN D 95 23.59 15.27 10.09
CA ASN D 95 22.43 16.15 10.32
C ASN D 95 21.07 15.47 10.44
N LEU D 96 21.05 14.14 10.45
CA LEU D 96 19.80 13.36 10.47
C LEU D 96 18.88 13.69 9.28
N ASP D 97 19.48 13.98 8.12
CA ASP D 97 18.73 14.14 6.88
C ASP D 97 17.94 12.86 6.61
N ARG D 98 16.70 13.01 6.16
CA ARG D 98 15.79 11.89 5.90
C ARG D 98 15.60 11.01 7.13
N ASP D 99 15.29 11.65 8.25
CA ASP D 99 15.02 10.98 9.52
C ASP D 99 13.60 10.39 9.51
N ILE D 100 13.47 9.22 8.90
CA ILE D 100 12.18 8.59 8.70
C ILE D 100 12.30 7.07 8.64
N ALA D 101 11.32 6.39 9.23
CA ALA D 101 11.26 4.93 9.21
C ALA D 101 9.81 4.48 9.27
N LEU D 102 9.52 3.35 8.62
CA LEU D 102 8.19 2.74 8.70
C LEU D 102 8.23 1.40 9.43
N LEU D 103 7.23 1.18 10.28
CA LEU D 103 7.06 -0.06 11.02
C LEU D 103 5.79 -0.74 10.54
N LYS D 104 5.94 -1.93 9.97
CA LYS D 104 4.78 -2.75 9.58
C LYS D 104 4.33 -3.59 10.77
N LEU D 105 3.05 -3.50 11.12
CA LEU D 105 2.49 -4.28 12.22
C LEU D 105 2.25 -5.73 11.80
N LYS D 106 2.47 -6.66 12.73
CA LYS D 106 2.32 -8.10 12.47
C LYS D 106 0.93 -8.47 11.92
N ARG D 107 -0.08 -7.74 12.37
CA ARG D 107 -1.44 -7.89 11.84
C ARG D 107 -2.19 -6.55 11.93
N PRO D 108 -3.27 -6.39 11.12
CA PRO D 108 -4.00 -5.12 11.16
C PRO D 108 -4.79 -4.99 12.46
N ILE D 109 -4.38 -4.05 13.30
CA ILE D 109 -5.02 -3.86 14.61
C ILE D 109 -6.42 -3.27 14.48
N GLU D 110 -7.25 -3.49 15.50
CA GLU D 110 -8.63 -3.01 15.48
C GLU D 110 -8.70 -1.52 15.81
N LEU D 111 -9.33 -0.76 14.92
CA LEU D 111 -9.60 0.66 15.12
C LEU D 111 -10.72 0.84 16.13
N SER D 112 -10.64 1.92 16.91
CA SER D 112 -11.66 2.21 17.92
C SER D 112 -11.81 3.72 18.04
N ASP D 113 -12.44 4.15 19.13
CA ASP D 113 -12.55 5.57 19.46
C ASP D 113 -11.21 6.17 19.88
N TYR D 114 -10.26 5.30 20.27
CA TYR D 114 -8.96 5.74 20.81
C TYR D 114 -7.81 5.42 19.85
N ILE D 115 -8.12 4.64 18.82
CA ILE D 115 -7.13 4.22 17.83
C ILE D 115 -7.65 4.52 16.42
N HIS D 116 -7.01 5.47 15.74
CA HIS D 116 -7.43 5.91 14.41
C HIS D 116 -6.26 6.53 13.65
N PRO D 117 -6.16 6.27 12.33
CA PRO D 117 -5.02 6.78 11.57
C PRO D 117 -5.10 8.27 11.17
N VAL D 118 -3.94 8.89 11.07
CA VAL D 118 -3.81 10.27 10.60
C VAL D 118 -3.57 10.25 9.08
N CYS D 119 -3.89 11.36 8.41
CA CYS D 119 -3.64 11.46 6.97
C CYS D 119 -2.21 11.90 6.67
N LEU D 120 -1.69 11.43 5.54
CA LEU D 120 -0.45 11.93 4.98
C LEU D 120 -0.81 13.05 4.00
N PRO D 121 0.02 14.11 3.93
CA PRO D 121 -0.31 15.19 3.01
C PRO D 121 -0.06 14.84 1.54
N ASP D 122 -0.83 15.47 0.66
CA ASP D 122 -0.56 15.48 -0.77
C ASP D 122 0.00 16.85 -1.16
N LYS D 123 0.25 17.06 -2.45
CA LYS D 123 0.80 18.33 -2.95
C LYS D 123 -0.06 19.54 -2.54
N GLN D 124 -1.37 19.43 -2.75
CA GLN D 124 -2.30 20.52 -2.44
C GLN D 124 -2.28 20.92 -0.97
N THR D 125 -2.41 19.93 -0.07
CA THR D 125 -2.42 20.17 1.38
C THR D 125 -1.07 20.73 1.86
N ALA D 126 0.02 20.22 1.28
CA ALA D 126 1.36 20.74 1.56
C ALA D 126 1.46 22.22 1.20
N ALA D 127 0.97 22.57 0.00
CA ALA D 127 0.96 23.96 -0.45
C ALA D 127 0.16 24.86 0.50
N LYS D 128 -1.06 24.44 0.83
CA LYS D 128 -1.96 25.25 1.68
C LYS D 128 -1.47 25.45 3.12
N LEU D 129 -0.84 24.44 3.69
CA LEU D 129 -0.57 24.43 5.14
C LEU D 129 0.82 24.92 5.55
N LEU D 130 1.83 24.72 4.70
CA LEU D 130 3.21 24.99 5.07
C LEU D 130 3.65 26.45 4.81
N HIS D 131 3.21 27.33 5.70
CA HIS D 131 3.54 28.74 5.65
C HIS D 131 4.00 29.17 7.04
N ALA D 132 5.06 29.96 7.08
CA ALA D 132 5.55 30.55 8.32
C ALA D 132 4.39 31.20 9.06
N GLY D 133 4.29 30.94 10.37
CA GLY D 133 3.22 31.52 11.16
C GLY D 133 2.07 30.58 11.46
N PHE D 134 1.75 29.72 10.50
CA PHE D 134 0.70 28.71 10.64
C PHE D 134 1.14 27.74 11.74
N LYS D 135 0.22 27.35 12.61
CA LYS D 135 0.60 26.47 13.73
C LYS D 135 0.25 25.01 13.49
N GLY D 136 1.13 24.14 13.95
CA GLY D 136 0.89 22.71 13.97
C GLY D 136 0.92 22.21 15.41
N ARG D 137 0.69 20.91 15.57
CA ARG D 137 0.50 20.32 16.88
C ARG D 137 1.44 19.15 17.13
N VAL D 138 2.08 19.16 18.30
CA VAL D 138 3.02 18.11 18.67
C VAL D 138 2.52 17.46 19.96
N THR D 139 2.63 16.13 19.99
CA THR D 139 2.14 15.34 21.10
C THR D 139 3.18 14.29 21.49
N GLY D 140 3.19 13.93 22.77
CA GLY D 140 4.15 12.94 23.22
C GLY D 140 4.19 12.80 24.71
N TRP D 141 4.88 11.76 25.17
CA TRP D 141 5.07 11.50 26.58
C TRP D 141 6.49 11.82 27.00
N GLY D 142 7.19 12.58 26.16
CA GLY D 142 8.54 13.04 26.47
C GLY D 142 8.61 13.97 27.66
N ASN D 143 9.82 14.25 28.11
CA ASN D 143 10.06 15.11 29.27
C ASN D 143 9.44 16.50 29.14
N ARG D 144 9.09 17.08 30.29
CA ARG D 144 8.48 18.40 30.37
C ARG D 144 9.51 19.53 30.36
N ARG D 145 10.77 19.18 30.59
CA ARG D 145 11.85 20.15 30.67
C ARG D 145 13.17 19.48 30.29
N GLU D 146 14.12 20.28 29.83
CA GLU D 146 15.45 19.78 29.50
C GLU D 146 16.19 19.28 30.75
N THR D 147 16.11 20.04 31.84
CA THR D 147 16.84 19.70 33.07
C THR D 147 15.92 19.38 34.26
N TRP D 148 16.49 18.74 35.29
CA TRP D 148 15.77 18.40 36.51
C TRP D 148 16.68 18.45 37.74
N THR D 149 16.08 18.62 38.93
CA THR D 149 16.82 18.90 40.16
C THR D 149 17.39 17.67 40.87
N THR D 150 16.54 16.68 41.14
CA THR D 150 16.96 15.46 41.85
C THR D 150 16.86 14.21 40.99
N SER D 151 15.70 14.01 40.35
CA SER D 151 15.48 12.87 39.46
C SER D 151 14.64 13.24 38.24
N VAL D 152 14.70 12.40 37.21
CA VAL D 152 13.95 12.60 35.98
C VAL D 152 12.43 12.47 36.16
N ALA D 153 12.00 11.94 37.30
CA ALA D 153 10.57 11.79 37.63
C ALA D 153 9.81 13.11 37.64
N GLU D 154 10.52 14.19 38.01
CA GLU D 154 9.96 15.55 38.07
C GLU D 154 9.49 16.08 36.71
N VAL D 155 10.05 15.53 35.63
CA VAL D 155 9.76 16.03 34.28
C VAL D 155 8.98 15.03 33.41
N GLN D 156 8.70 13.86 33.99
CA GLN D 156 7.92 12.83 33.30
C GLN D 156 6.42 13.06 33.52
N PRO D 157 5.66 13.18 32.42
CA PRO D 157 4.20 13.38 32.50
C PRO D 157 3.44 12.09 32.76
N SER D 158 2.43 12.16 33.62
CA SER D 158 1.53 11.03 33.85
C SER D 158 0.58 10.82 32.67
N VAL D 159 0.37 11.87 31.89
CA VAL D 159 -0.63 11.89 30.82
C VAL D 159 -0.06 12.53 29.54
N LEU D 160 -0.50 12.04 28.38
CA LEU D 160 -0.10 12.57 27.07
C LEU D 160 -0.18 14.09 27.04
N GLN D 161 0.87 14.70 26.51
CA GLN D 161 0.97 16.15 26.46
C GLN D 161 0.77 16.68 25.04
N VAL D 162 0.18 17.86 24.94
CA VAL D 162 -0.05 18.51 23.66
C VAL D 162 0.41 19.96 23.70
N VAL D 163 1.05 20.40 22.62
CA VAL D 163 1.43 21.79 22.44
C VAL D 163 1.29 22.18 20.98
N ASN D 164 0.83 23.41 20.74
CA ASN D 164 0.74 23.95 19.40
C ASN D 164 1.89 24.95 19.14
N LEU D 165 2.54 24.81 17.99
CA LEU D 165 3.74 25.60 17.68
C LEU D 165 3.70 26.09 16.25
N PRO D 166 4.16 27.33 16.02
CA PRO D 166 4.11 27.91 14.68
C PRO D 166 5.29 27.47 13.81
N LEU D 167 5.02 27.27 12.52
CA LEU D 167 6.08 27.01 11.55
C LEU D 167 6.96 28.27 11.42
N VAL D 168 8.25 28.02 11.23
CA VAL D 168 9.25 29.07 11.23
C VAL D 168 9.85 29.18 9.83
N GLU D 169 10.06 30.40 9.37
CA GLU D 169 10.58 30.58 8.02
C GLU D 169 12.01 30.02 7.93
N ARG D 170 12.29 29.38 6.80
CA ARG D 170 13.55 28.66 6.57
C ARG D 170 14.84 29.43 6.88
N PRO D 171 14.92 30.72 6.48
CA PRO D 171 16.16 31.47 6.79
C PRO D 171 16.37 31.65 8.30
N VAL D 172 15.28 31.72 9.06
CA VAL D 172 15.38 31.81 10.51
C VAL D 172 15.84 30.46 11.07
N CYS D 173 15.30 29.37 10.52
CA CYS D 173 15.73 28.02 10.88
C CYS D 173 17.24 27.83 10.63
N LYS D 174 17.69 28.20 9.44
CA LYS D 174 19.07 27.99 9.03
C LYS D 174 20.07 28.73 9.94
N ALA D 175 19.75 29.98 10.26
CA ALA D 175 20.62 30.85 11.08
C ALA D 175 20.64 30.48 12.56
N SER D 176 19.62 29.73 13.01
CA SER D 176 19.52 29.34 14.40
C SER D 176 20.48 28.20 14.78
N THR D 177 21.13 27.59 13.79
CA THR D 177 21.92 26.40 14.03
C THR D 177 23.15 26.32 13.12
N ARG D 178 24.20 25.67 13.61
CA ARG D 178 25.39 25.40 12.82
C ARG D 178 25.23 24.11 12.01
N ILE D 179 24.25 23.29 12.38
CA ILE D 179 23.92 22.08 11.62
C ILE D 179 23.44 22.43 10.20
N ARG D 180 23.87 21.65 9.21
CA ARG D 180 23.40 21.84 7.84
C ARG D 180 21.96 21.33 7.68
N ILE D 181 21.05 22.26 7.44
CA ILE D 181 19.64 21.96 7.22
C ILE D 181 19.41 21.62 5.76
N THR D 182 18.51 20.68 5.50
CA THR D 182 18.19 20.28 4.15
C THR D 182 16.73 20.62 3.86
N ASP D 183 16.32 20.47 2.59
CA ASP D 183 14.92 20.64 2.20
C ASP D 183 14.01 19.58 2.80
N ASN D 184 14.59 18.53 3.38
CA ASN D 184 13.83 17.42 3.96
C ASN D 184 13.47 17.63 5.43
N MET D 185 13.82 18.79 5.95
CA MET D 185 13.46 19.19 7.31
C MET D 185 12.77 20.54 7.28
N PHE D 186 12.00 20.82 8.31
CA PHE D 186 11.55 22.16 8.61
C PHE D 186 11.64 22.37 10.11
N CYS D 187 11.62 23.61 10.56
CA CYS D 187 11.67 23.90 11.99
C CYS D 187 10.40 24.62 12.46
N ALA D 188 10.06 24.45 13.74
CA ALA D 188 8.91 25.10 14.33
C ALA D 188 9.21 25.53 15.77
N GLY D 189 8.40 26.45 16.29
CA GLY D 189 8.56 26.95 17.66
C GLY D 189 8.41 28.45 17.70
N TYR D 190 8.33 29.00 18.89
CA TYR D 190 8.23 30.45 19.03
C TYR D 190 9.60 31.09 19.04
N LYS D 191 9.64 32.33 18.57
CA LYS D 191 10.85 33.12 18.57
C LYS D 191 11.03 33.79 19.94
N PRO D 192 12.26 34.21 20.26
CA PRO D 192 12.44 35.04 21.46
C PRO D 192 11.56 36.30 21.37
N GLY D 193 10.82 36.56 22.45
CA GLY D 193 9.95 37.73 22.52
C GLY D 193 8.59 37.56 21.85
N GLU D 194 8.30 36.35 21.35
CA GLU D 194 7.01 36.11 20.71
C GLU D 194 5.87 35.93 21.71
N GLY D 195 6.22 35.71 22.97
CA GLY D 195 5.22 35.75 24.05
C GLY D 195 4.75 34.39 24.51
N LYS D 196 5.25 33.35 23.86
CA LYS D 196 4.93 31.98 24.21
C LYS D 196 6.18 31.10 24.08
N ARG D 197 6.14 29.93 24.74
CA ARG D 197 7.24 28.99 24.73
C ARG D 197 6.67 27.63 24.30
N GLY D 198 7.54 26.63 24.17
CA GLY D 198 7.07 25.28 23.86
C GLY D 198 7.98 24.56 22.90
N ASP D 199 8.09 23.24 23.09
CA ASP D 199 8.97 22.39 22.29
C ASP D 199 8.69 20.92 22.58
N ALA D 200 9.18 20.06 21.71
CA ALA D 200 9.36 18.64 22.01
C ALA D 200 10.59 18.48 22.90
N CYS D 201 10.67 17.37 23.64
CA CYS D 201 11.85 17.06 24.46
C CYS D 201 12.08 15.55 24.54
N GLU D 202 13.13 15.13 25.24
CA GLU D 202 13.56 13.72 25.32
C GLU D 202 12.40 12.74 25.46
N GLY D 203 12.23 11.89 24.46
CA GLY D 203 11.13 10.92 24.45
C GLY D 203 10.04 11.24 23.45
N ASP D 204 10.01 12.47 22.93
CA ASP D 204 9.00 12.89 21.96
C ASP D 204 9.37 12.58 20.52
N SER D 205 10.67 12.42 20.27
CA SER D 205 11.19 12.09 18.94
C SER D 205 10.46 10.94 18.28
N GLY D 206 10.26 11.04 16.97
CA GLY D 206 9.53 10.03 16.22
C GLY D 206 8.04 10.27 16.18
N GLY D 207 7.54 11.04 17.14
CA GLY D 207 6.13 11.41 17.21
C GLY D 207 5.70 12.39 16.12
N PRO D 208 4.38 12.68 16.04
CA PRO D 208 3.83 13.48 14.95
C PRO D 208 3.72 14.99 15.19
N PHE D 209 4.03 15.75 14.13
CA PHE D 209 3.65 17.16 14.03
C PHE D 209 2.48 17.21 13.04
N VAL D 210 1.29 17.53 13.55
CA VAL D 210 0.08 17.48 12.72
C VAL D 210 -0.57 18.84 12.55
N MET D 211 -1.33 18.98 11.47
CA MET D 211 -2.07 20.21 11.19
C MET D 211 -3.46 19.84 10.72
N LYS D 212 -4.44 20.64 11.13
CA LYS D 212 -5.81 20.42 10.71
C LYS D 212 -6.11 21.28 9.47
N SER D 213 -6.43 20.61 8.37
CA SER D 213 -6.71 21.29 7.11
C SER D 213 -8.05 22.01 7.19
N PRO D 214 -8.09 23.28 6.75
CA PRO D 214 -9.33 24.05 6.73
C PRO D 214 -10.22 23.73 5.52
N TYR D 215 -9.68 22.97 4.57
CA TYR D 215 -10.41 22.61 3.37
C TYR D 215 -11.40 21.46 3.62
N ASN D 216 -10.98 20.48 4.40
CA ASN D 216 -11.80 19.29 4.67
C ASN D 216 -11.91 18.91 6.15
N ASN D 217 -11.29 19.71 7.02
CA ASN D 217 -11.31 19.49 8.47
C ASN D 217 -10.71 18.15 8.91
N ARG D 218 -9.68 17.72 8.18
CA ARG D 218 -8.95 16.50 8.50
C ARG D 218 -7.56 16.81 9.01
N TRP D 219 -7.04 15.95 9.89
CA TRP D 219 -5.71 16.07 10.41
C TRP D 219 -4.69 15.39 9.50
N TYR D 220 -3.63 16.12 9.18
CA TYR D 220 -2.56 15.65 8.32
C TYR D 220 -1.25 15.69 9.08
N GLN D 221 -0.47 14.62 8.99
CA GLN D 221 0.85 14.63 9.60
C GLN D 221 1.85 15.27 8.66
N MET D 222 2.27 16.48 9.00
CA MET D 222 3.17 17.25 8.16
C MET D 222 4.62 16.99 8.54
N GLY D 223 4.83 16.58 9.77
CA GLY D 223 6.18 16.38 10.27
C GLY D 223 6.34 15.25 11.25
N ILE D 224 7.58 14.83 11.45
CA ILE D 224 7.95 13.85 12.46
C ILE D 224 9.02 14.52 13.32
N VAL D 225 8.81 14.53 14.64
CA VAL D 225 9.81 15.08 15.57
C VAL D 225 11.17 14.41 15.31
N SER D 226 12.15 15.22 14.93
CA SER D 226 13.44 14.69 14.50
C SER D 226 14.60 15.01 15.45
N TRP D 227 14.86 16.30 15.66
CA TRP D 227 15.96 16.73 16.52
C TRP D 227 15.82 18.18 16.98
N GLY D 228 16.46 18.47 18.11
CA GLY D 228 16.58 19.83 18.60
C GLY D 228 17.85 19.96 19.42
N GLU D 229 18.32 21.19 19.59
CA GLU D 229 19.46 21.43 20.48
C GLU D 229 18.89 21.75 21.84
N GLY D 230 18.92 20.75 22.71
CA GLY D 230 18.22 20.81 23.99
C GLY D 230 16.73 20.89 23.75
N CYS D 231 16.03 21.53 24.68
CA CYS D 231 14.58 21.70 24.58
C CYS D 231 14.18 23.12 25.00
N ASP D 232 13.33 23.75 24.19
CA ASP D 232 12.73 25.06 24.49
C ASP D 232 13.74 26.17 24.81
N ARG D 233 14.89 26.16 24.13
CA ARG D 233 15.91 27.19 24.30
C ARG D 233 15.58 28.38 23.40
N ASP D 234 15.86 29.60 23.88
CA ASP D 234 15.62 30.80 23.08
C ASP D 234 16.54 30.82 21.87
N GLY D 235 15.97 31.12 20.70
CA GLY D 235 16.76 31.22 19.46
C GLY D 235 17.08 29.86 18.89
N LYS D 236 16.51 28.81 19.48
CA LYS D 236 16.61 27.45 18.94
C LYS D 236 15.20 26.99 18.55
N TYR D 237 15.14 26.02 17.64
CA TYR D 237 13.86 25.53 17.14
C TYR D 237 13.88 24.01 17.03
N GLY D 238 12.71 23.40 17.20
CA GLY D 238 12.58 21.97 16.98
C GLY D 238 12.60 21.71 15.49
N PHE D 239 13.34 20.69 15.08
CA PHE D 239 13.38 20.31 13.67
C PHE D 239 12.57 19.05 13.42
N TYR D 240 11.90 19.04 12.27
CA TYR D 240 10.97 17.97 11.94
C TYR D 240 11.26 17.44 10.57
N THR D 241 11.09 16.13 10.40
CA THR D 241 11.20 15.51 9.07
C THR D 241 10.03 15.96 8.22
N HIS D 242 10.33 16.46 7.01
CA HIS D 242 9.32 16.96 6.09
C HIS D 242 8.65 15.78 5.38
N VAL D 243 7.45 15.45 5.83
CA VAL D 243 6.73 14.24 5.42
C VAL D 243 6.35 14.21 3.95
N PHE D 244 5.81 15.32 3.43
CA PHE D 244 5.47 15.37 2.01
C PHE D 244 6.70 15.26 1.10
N ARG D 245 7.82 15.83 1.54
CA ARG D 245 9.06 15.77 0.74
C ARG D 245 9.57 14.33 0.62
N LEU D 246 9.17 13.48 1.56
CA LEU D 246 9.56 12.07 1.56
C LEU D 246 8.39 11.13 1.26
N LYS D 247 7.32 11.70 0.69
CA LYS D 247 6.09 10.96 0.37
C LYS D 247 6.31 9.82 -0.65
N LYS D 248 7.23 10.04 -1.60
CA LYS D 248 7.53 9.03 -2.61
C LYS D 248 8.15 7.76 -2.01
N TRP D 249 9.05 7.92 -1.04
CA TRP D 249 9.63 6.76 -0.32
C TRP D 249 8.56 6.03 0.48
N ILE D 250 7.74 6.77 1.21
CA ILE D 250 6.63 6.23 1.99
C ILE D 250 5.68 5.40 1.11
N GLN D 251 5.27 5.97 -0.03
CA GLN D 251 4.43 5.27 -1.00
C GLN D 251 5.09 3.99 -1.50
N LYS D 252 6.36 4.10 -1.86
CA LYS D 252 7.16 2.96 -2.33
C LYS D 252 7.06 1.74 -1.40
N VAL D 253 7.25 1.92 -0.08
CA VAL D 253 7.17 0.78 0.84
C VAL D 253 5.73 0.33 1.11
N ILE D 254 4.83 1.29 1.28
CA ILE D 254 3.42 1.00 1.62
C ILE D 254 2.60 0.48 0.44
N ASP D 255 2.86 1.00 -0.76
CA ASP D 255 2.09 0.60 -1.96
C ASP D 255 2.42 -0.82 -2.43
N ARG D 256 3.44 -1.42 -1.84
CA ARG D 256 3.86 -2.79 -2.15
C ARG D 256 2.68 -3.76 -2.09
N LEU D 257 2.48 -4.47 -3.20
CA LEU D 257 1.42 -5.48 -3.30
C LEU D 257 2.04 -6.87 -3.38
N GLY D 258 1.19 -7.89 -3.44
CA GLY D 258 1.66 -9.26 -3.55
C GLY D 258 1.91 -9.95 -2.22
N SER D 259 1.61 -11.24 -2.17
CA SER D 259 1.87 -12.08 -1.01
C SER D 259 2.39 -13.44 -1.48
#